data_1AX2
#
_entry.id   1AX2
#
_cell.length_a   83.930
_cell.length_b   73.170
_cell.length_c   71.310
_cell.angle_alpha   90.00
_cell.angle_beta   113.36
_cell.angle_gamma   90.00
#
_symmetry.space_group_name_H-M   'C 1 2 1'
#
loop_
_entity.id
_entity.type
_entity.pdbx_description
1 polymer LECTIN
2 branched beta-D-xylopyranose-(1-2)-[alpha-D-mannopyranose-(1-3)][alpha-D-mannopyranose-(1-6)]beta-D-mannopyranose-(1-4)-2-acetamido-2-deoxy-beta-D-glucopyranose-(1-4)-[alpha-L-fucopyranose-(1-3)]2-acetamido-2-deoxy-beta-D-glucopyranose
3 branched beta-D-galactopyranose-(1-4)-2-acetamido-2-deoxy-alpha-D-glucopyranose
4 non-polymer 'MANGANESE (II) ION'
5 non-polymer 'CALCIUM ION'
6 water water
#
_entity_poly.entity_id   1
_entity_poly.type   'polypeptide(L)'
_entity_poly.pdbx_seq_one_letter_code
;VETISFSFSEFEPGNDNLTLQGAALITQSGVLQLTKINQNGMPAWDSTGRTLYAKPVHIWDMTTGTVASFETRFSFSIEQ
PYTRPLPADGLVFFMGPTKSKPAQGYGYLGIFNNSKQDNSYQTLGVEFDTFSNPWDPPQVPHIGIDVNSIRSIKTQPFQL
DNGQVANVVIKYDASSKILHAVLVYPSSGAIYTIAEIVDVKQVLPEWVDVGLSGATGAQRDAAETHDVYSWSFQASLPE
;
_entity_poly.pdbx_strand_id   A
#
loop_
_chem_comp.id
_chem_comp.type
_chem_comp.name
_chem_comp.formula
BMA D-saccharide, beta linking beta-D-mannopyranose 'C6 H12 O6'
CA non-polymer 'CALCIUM ION' 'Ca 2'
FUC L-saccharide, alpha linking alpha-L-fucopyranose 'C6 H12 O5'
GAL D-saccharide, beta linking beta-D-galactopyranose 'C6 H12 O6'
MAN D-saccharide, alpha linking alpha-D-mannopyranose 'C6 H12 O6'
MN non-polymer 'MANGANESE (II) ION' 'Mn 2'
NAG D-saccharide, beta linking 2-acetamido-2-deoxy-beta-D-glucopyranose 'C8 H15 N O6'
NDG D-saccharide, alpha linking 2-acetamido-2-deoxy-alpha-D-glucopyranose 'C8 H15 N O6'
XYP D-saccharide, beta linking beta-D-xylopyranose 'C5 H10 O5'
#
# COMPACT_ATOMS: atom_id res chain seq x y z
N VAL A 1 -3.55 24.03 -13.11
CA VAL A 1 -4.15 22.95 -12.27
C VAL A 1 -4.07 21.59 -12.98
N GLU A 2 -3.04 20.83 -12.65
CA GLU A 2 -2.86 19.51 -13.24
C GLU A 2 -3.61 18.47 -12.40
N THR A 3 -4.66 17.91 -12.97
CA THR A 3 -5.44 16.91 -12.27
C THR A 3 -5.31 15.57 -12.96
N ILE A 4 -5.32 14.51 -12.15
CA ILE A 4 -5.25 13.15 -12.67
C ILE A 4 -6.11 12.29 -11.77
N SER A 5 -6.83 11.35 -12.38
CA SER A 5 -7.68 10.48 -11.61
C SER A 5 -7.98 9.20 -12.35
N PHE A 6 -8.30 8.17 -11.57
CA PHE A 6 -8.66 6.88 -12.12
C PHE A 6 -9.55 6.19 -11.10
N SER A 7 -10.39 5.28 -11.57
CA SER A 7 -11.30 4.57 -10.70
C SER A 7 -11.58 3.19 -11.25
N PHE A 8 -11.22 2.17 -10.47
CA PHE A 8 -11.45 0.78 -10.85
C PHE A 8 -12.42 0.15 -9.86
N SER A 9 -13.68 0.02 -10.27
CA SER A 9 -14.71 -0.58 -9.44
C SER A 9 -14.42 -2.06 -9.32
N GLU A 10 -13.68 -2.56 -10.29
CA GLU A 10 -13.24 -3.96 -10.36
C GLU A 10 -12.11 -3.98 -11.37
N PHE A 11 -11.33 -5.05 -11.36
CA PHE A 11 -10.21 -5.15 -12.27
C PHE A 11 -10.49 -6.09 -13.44
N GLU A 12 -10.00 -5.72 -14.62
CA GLU A 12 -10.20 -6.52 -15.82
C GLU A 12 -8.86 -7.06 -16.28
N PRO A 13 -8.79 -8.38 -16.54
CA PRO A 13 -7.51 -8.96 -17.00
C PRO A 13 -7.16 -8.36 -18.36
N GLY A 14 -5.87 -8.12 -18.59
CA GLY A 14 -5.45 -7.57 -19.86
C GLY A 14 -5.44 -6.05 -19.95
N ASN A 15 -6.03 -5.39 -18.95
CA ASN A 15 -6.09 -3.93 -18.88
C ASN A 15 -4.68 -3.35 -18.98
N ASP A 16 -4.49 -2.34 -19.83
CA ASP A 16 -3.15 -1.77 -19.97
C ASP A 16 -2.92 -0.49 -19.15
N ASN A 17 -3.83 -0.22 -18.22
CA ASN A 17 -3.70 0.96 -17.36
C ASN A 17 -3.01 0.62 -16.03
N LEU A 18 -2.70 -0.66 -15.84
CA LEU A 18 -2.04 -1.14 -14.64
C LEU A 18 -0.81 -1.96 -14.98
N THR A 19 0.28 -1.69 -14.26
CA THR A 19 1.55 -2.40 -14.44
C THR A 19 1.66 -3.43 -13.31
N LEU A 20 1.54 -4.70 -13.66
CA LEU A 20 1.64 -5.78 -12.68
C LEU A 20 3.08 -6.21 -12.56
N GLN A 21 3.57 -6.33 -11.32
CA GLN A 21 4.94 -6.74 -11.07
C GLN A 21 4.97 -7.89 -10.09
N GLY A 22 5.98 -8.73 -10.20
CA GLY A 22 6.11 -9.86 -9.29
C GLY A 22 4.99 -10.86 -9.43
N ALA A 23 4.38 -11.24 -8.30
CA ALA A 23 3.30 -12.21 -8.29
C ALA A 23 1.91 -11.66 -8.60
N ALA A 24 1.76 -10.33 -8.61
CA ALA A 24 0.47 -9.71 -8.87
C ALA A 24 -0.25 -10.26 -10.09
N LEU A 25 -1.55 -10.50 -9.93
CA LEU A 25 -2.36 -11.07 -10.99
C LEU A 25 -3.83 -10.68 -10.84
N ILE A 26 -4.48 -10.43 -11.98
CA ILE A 26 -5.90 -10.08 -11.96
C ILE A 26 -6.68 -11.35 -12.39
N THR A 27 -7.56 -11.81 -11.52
CA THR A 27 -8.35 -13.01 -11.80
C THR A 27 -9.51 -12.72 -12.75
N GLN A 28 -10.08 -13.78 -13.31
CA GLN A 28 -11.21 -13.68 -14.21
C GLN A 28 -12.44 -13.14 -13.49
N SER A 29 -12.44 -13.24 -12.16
CA SER A 29 -13.55 -12.74 -11.35
C SER A 29 -13.41 -11.24 -11.05
N GLY A 30 -12.32 -10.64 -11.53
CA GLY A 30 -12.11 -9.21 -11.33
C GLY A 30 -11.39 -8.78 -10.07
N VAL A 31 -10.72 -9.72 -9.42
CA VAL A 31 -9.99 -9.44 -8.19
C VAL A 31 -8.48 -9.33 -8.45
N LEU A 32 -7.85 -8.36 -7.79
CA LEU A 32 -6.42 -8.17 -7.91
C LEU A 32 -5.75 -8.92 -6.75
N GLN A 33 -5.10 -10.03 -7.06
CA GLN A 33 -4.40 -10.82 -6.06
C GLN A 33 -2.95 -10.37 -6.07
N LEU A 34 -2.58 -9.58 -5.05
CA LEU A 34 -1.22 -9.06 -4.96
C LEU A 34 -0.18 -10.17 -4.77
N THR A 35 -0.50 -11.13 -3.91
CA THR A 35 0.41 -12.23 -3.66
C THR A 35 -0.18 -13.55 -4.15
N LYS A 36 0.69 -14.49 -4.47
CA LYS A 36 0.30 -15.78 -5.02
C LYS A 36 -0.57 -16.72 -4.17
N ILE A 37 -1.53 -17.33 -4.86
CA ILE A 37 -2.45 -18.29 -4.27
C ILE A 37 -2.27 -19.61 -5.03
N ASN A 38 -1.91 -20.67 -4.31
CA ASN A 38 -1.68 -22.00 -4.87
C ASN A 38 -2.89 -22.63 -5.56
N GLN A 39 -2.67 -23.82 -6.13
CA GLN A 39 -3.72 -24.58 -6.83
C GLN A 39 -4.76 -25.05 -5.82
N ASN A 40 -4.30 -25.37 -4.62
CA ASN A 40 -5.16 -25.82 -3.53
C ASN A 40 -5.96 -24.67 -2.91
N GLY A 41 -5.80 -23.46 -3.44
CA GLY A 41 -6.51 -22.30 -2.94
C GLY A 41 -5.92 -21.64 -1.70
N MET A 42 -4.74 -22.08 -1.29
CA MET A 42 -4.07 -21.53 -0.10
C MET A 42 -3.03 -20.49 -0.54
N PRO A 43 -2.82 -19.44 0.26
CA PRO A 43 -1.82 -18.42 -0.10
C PRO A 43 -0.40 -18.96 0.03
N ALA A 44 0.43 -18.67 -0.98
CA ALA A 44 1.83 -19.12 -1.01
C ALA A 44 2.76 -18.19 -0.24
N TRP A 45 3.73 -18.77 0.47
CA TRP A 45 4.71 -17.96 1.21
C TRP A 45 5.80 -17.53 0.23
N ASP A 46 6.70 -16.64 0.67
CA ASP A 46 7.80 -16.16 -0.15
C ASP A 46 7.29 -15.56 -1.46
N SER A 47 6.27 -14.70 -1.36
CA SER A 47 5.68 -14.09 -2.54
C SER A 47 5.59 -12.58 -2.42
N THR A 48 5.89 -11.88 -3.50
CA THR A 48 5.82 -10.42 -3.54
C THR A 48 5.18 -10.01 -4.86
N GLY A 49 4.24 -9.06 -4.78
CA GLY A 49 3.57 -8.60 -5.98
C GLY A 49 3.18 -7.14 -5.84
N ARG A 50 3.23 -6.40 -6.94
CA ARG A 50 2.86 -4.99 -6.95
C ARG A 50 2.04 -4.61 -8.16
N THR A 51 1.34 -3.50 -8.04
CA THR A 51 0.54 -2.98 -9.13
C THR A 51 0.70 -1.47 -9.10
N LEU A 52 1.17 -0.93 -10.21
CA LEU A 52 1.40 0.50 -10.34
C LEU A 52 0.49 1.06 -11.43
N TYR A 53 -0.05 2.26 -11.21
CA TYR A 53 -0.86 2.90 -12.22
C TYR A 53 0.13 3.19 -13.36
N ALA A 54 -0.30 2.95 -14.61
CA ALA A 54 0.55 3.12 -15.79
C ALA A 54 1.01 4.53 -16.14
N LYS A 55 0.49 5.55 -15.47
CA LYS A 55 0.91 6.92 -15.74
C LYS A 55 1.47 7.59 -14.48
N PRO A 56 2.61 8.29 -14.62
CA PRO A 56 3.21 8.98 -13.47
C PRO A 56 2.34 10.15 -13.06
N VAL A 57 2.42 10.51 -11.79
CA VAL A 57 1.62 11.60 -11.23
C VAL A 57 2.51 12.79 -10.87
N HIS A 58 2.06 13.98 -11.21
CA HIS A 58 2.81 15.20 -10.90
C HIS A 58 2.38 15.60 -9.50
N ILE A 59 3.23 15.31 -8.51
CA ILE A 59 2.90 15.59 -7.12
C ILE A 59 3.28 16.99 -6.62
N TRP A 60 4.38 17.53 -7.14
CA TRP A 60 4.79 18.89 -6.78
C TRP A 60 5.68 19.51 -7.84
N ASP A 61 5.75 20.84 -7.83
CA ASP A 61 6.55 21.56 -8.81
C ASP A 61 7.62 22.40 -8.13
N MET A 62 8.87 22.13 -8.48
CA MET A 62 10.01 22.83 -7.89
C MET A 62 10.09 24.31 -8.28
N THR A 63 9.65 24.63 -9.50
CA THR A 63 9.67 26.00 -10.00
C THR A 63 8.74 26.93 -9.21
N THR A 64 7.49 26.50 -9.04
CA THR A 64 6.50 27.29 -8.32
C THR A 64 6.40 26.95 -6.84
N GLY A 65 6.91 25.78 -6.46
CA GLY A 65 6.86 25.37 -5.07
C GLY A 65 5.51 24.85 -4.63
N THR A 66 4.58 24.71 -5.57
CA THR A 66 3.25 24.21 -5.26
C THR A 66 3.26 22.68 -5.15
N VAL A 67 2.39 22.16 -4.30
CA VAL A 67 2.27 20.72 -4.11
C VAL A 67 0.81 20.29 -4.21
N ALA A 68 0.61 19.11 -4.78
CA ALA A 68 -0.72 18.56 -4.98
C ALA A 68 -1.36 17.93 -3.76
N SER A 69 -2.69 18.02 -3.72
CA SER A 69 -3.46 17.39 -2.66
C SER A 69 -3.97 16.15 -3.37
N PHE A 70 -4.13 15.05 -2.64
CA PHE A 70 -4.61 13.84 -3.28
C PHE A 70 -5.44 12.98 -2.34
N GLU A 71 -6.11 11.99 -2.92
CA GLU A 71 -6.94 11.08 -2.15
C GLU A 71 -7.01 9.77 -2.89
N THR A 72 -6.98 8.68 -2.13
CA THR A 72 -7.09 7.36 -2.71
C THR A 72 -8.00 6.53 -1.82
N ARG A 73 -8.76 5.65 -2.45
CA ARG A 73 -9.66 4.76 -1.75
C ARG A 73 -9.52 3.37 -2.36
N PHE A 74 -9.52 2.36 -1.51
CA PHE A 74 -9.43 0.99 -1.97
C PHE A 74 -10.00 0.01 -0.95
N SER A 75 -10.41 -1.14 -1.44
CA SER A 75 -10.97 -2.21 -0.62
C SER A 75 -10.11 -3.43 -0.76
N PHE A 76 -9.83 -4.08 0.36
CA PHE A 76 -9.01 -5.28 0.32
C PHE A 76 -9.46 -6.25 1.39
N SER A 77 -8.94 -7.48 1.31
CA SER A 77 -9.23 -8.50 2.30
C SER A 77 -7.96 -9.34 2.50
N ILE A 78 -7.72 -9.68 3.75
CA ILE A 78 -6.58 -10.49 4.14
C ILE A 78 -7.18 -11.69 4.86
N GLU A 79 -6.82 -12.88 4.40
CA GLU A 79 -7.30 -14.12 4.99
C GLU A 79 -6.08 -14.89 5.50
N GLN A 80 -6.11 -15.22 6.80
CA GLN A 80 -5.04 -15.96 7.48
C GLN A 80 -5.60 -17.34 7.85
N PRO A 81 -5.31 -18.36 7.01
CA PRO A 81 -5.78 -19.74 7.18
C PRO A 81 -5.13 -20.65 8.23
N TYR A 82 -3.92 -20.32 8.68
CA TYR A 82 -3.20 -21.14 9.65
C TYR A 82 -2.99 -20.49 11.00
N THR A 83 -3.03 -21.31 12.04
CA THR A 83 -2.78 -20.86 13.41
C THR A 83 -1.28 -20.67 13.61
N ARG A 84 -0.49 -21.53 12.99
CA ARG A 84 0.97 -21.43 13.08
C ARG A 84 1.57 -21.90 11.76
N PRO A 85 2.66 -21.28 11.31
CA PRO A 85 3.37 -20.17 11.96
C PRO A 85 2.57 -18.88 11.84
N LEU A 86 3.05 -17.81 12.46
CA LEU A 86 2.36 -16.52 12.40
C LEU A 86 2.31 -16.04 10.95
N PRO A 87 1.17 -15.49 10.52
CA PRO A 87 1.03 -14.99 9.15
C PRO A 87 1.90 -13.75 8.90
N ALA A 88 2.16 -13.46 7.63
CA ALA A 88 3.01 -12.33 7.24
C ALA A 88 2.77 -12.07 5.76
N ASP A 89 3.15 -10.90 5.23
CA ASP A 89 3.77 -9.79 5.96
C ASP A 89 2.91 -8.54 5.93
N GLY A 90 2.05 -8.44 4.92
CA GLY A 90 1.16 -7.29 4.81
C GLY A 90 1.12 -6.66 3.43
N LEU A 91 0.45 -5.52 3.34
CA LEU A 91 0.34 -4.80 2.08
C LEU A 91 0.52 -3.31 2.34
N VAL A 92 0.77 -2.54 1.28
CA VAL A 92 1.01 -1.12 1.45
C VAL A 92 0.68 -0.32 0.18
N PHE A 93 0.18 0.90 0.41
CA PHE A 93 -0.11 1.83 -0.67
C PHE A 93 1.14 2.72 -0.65
N PHE A 94 1.73 2.96 -1.82
CA PHE A 94 2.94 3.78 -1.83
C PHE A 94 3.10 4.71 -3.02
N MET A 95 3.97 5.70 -2.85
CA MET A 95 4.32 6.67 -3.88
C MET A 95 5.84 6.76 -3.82
N GLY A 96 6.47 6.73 -4.99
CA GLY A 96 7.91 6.82 -5.05
C GLY A 96 8.39 7.14 -6.46
N PRO A 97 9.70 7.04 -6.72
CA PRO A 97 10.30 7.33 -8.03
C PRO A 97 9.65 6.52 -9.16
N THR A 98 9.51 7.16 -10.31
CA THR A 98 8.93 6.53 -11.50
C THR A 98 9.82 5.42 -12.03
N LYS A 99 9.22 4.50 -12.77
CA LYS A 99 9.92 3.38 -13.38
C LYS A 99 10.56 2.43 -12.37
N SER A 100 10.01 2.38 -11.16
CA SER A 100 10.58 1.50 -10.14
C SER A 100 10.19 0.04 -10.32
N LYS A 101 11.02 -0.83 -9.76
CA LYS A 101 10.82 -2.27 -9.80
C LYS A 101 10.70 -2.71 -8.34
N PRO A 102 10.17 -3.92 -8.10
CA PRO A 102 10.03 -4.42 -6.73
C PRO A 102 11.35 -4.44 -5.97
N ALA A 103 11.31 -4.08 -4.68
CA ALA A 103 12.50 -4.09 -3.84
C ALA A 103 12.46 -5.39 -3.05
N GLN A 104 12.96 -5.38 -1.82
CA GLN A 104 12.96 -6.57 -0.97
C GLN A 104 11.55 -6.92 -0.50
N GLY A 105 11.24 -8.21 -0.44
CA GLY A 105 9.94 -8.64 0.01
C GLY A 105 9.88 -8.76 1.52
N TYR A 106 9.07 -9.70 2.00
CA TYR A 106 8.88 -9.94 3.42
C TYR A 106 8.49 -8.68 4.17
N GLY A 107 9.13 -8.45 5.32
CA GLY A 107 8.85 -7.31 6.16
C GLY A 107 9.10 -5.96 5.50
N TYR A 108 9.82 -5.97 4.38
CA TYR A 108 10.11 -4.73 3.65
C TYR A 108 8.98 -4.39 2.68
N LEU A 109 8.02 -5.31 2.59
CA LEU A 109 6.82 -5.15 1.78
C LEU A 109 6.99 -4.86 0.28
N GLY A 110 8.18 -5.11 -0.26
CA GLY A 110 8.41 -4.88 -1.67
C GLY A 110 8.76 -3.45 -2.06
N ILE A 111 8.98 -2.58 -1.07
CA ILE A 111 9.31 -1.18 -1.36
C ILE A 111 10.59 -0.63 -0.70
N PHE A 112 11.20 -1.41 0.20
CA PHE A 112 12.43 -0.99 0.87
C PHE A 112 13.47 -2.12 0.77
N ASN A 113 14.74 -1.79 0.97
CA ASN A 113 15.81 -2.78 0.89
C ASN A 113 16.45 -3.11 2.23
N ASN A 114 16.15 -2.30 3.24
CA ASN A 114 16.69 -2.49 4.58
C ASN A 114 15.79 -1.74 5.54
N SER A 115 16.21 -1.62 6.80
CA SER A 115 15.41 -0.92 7.79
C SER A 115 15.98 0.45 8.15
N LYS A 116 16.75 1.03 7.24
CA LYS A 116 17.33 2.35 7.47
C LYS A 116 16.36 3.44 6.98
N GLN A 117 16.52 4.64 7.53
CA GLN A 117 15.72 5.78 7.10
C GLN A 117 16.65 6.53 6.14
N ASP A 118 16.51 6.21 4.86
CA ASP A 118 17.36 6.77 3.82
C ASP A 118 16.58 7.70 2.88
N ASN A 119 17.03 8.95 2.78
CA ASN A 119 16.37 9.91 1.89
C ASN A 119 16.38 9.51 0.41
N SER A 120 17.31 8.64 0.04
CA SER A 120 17.39 8.22 -1.35
C SER A 120 16.21 7.32 -1.75
N TYR A 121 15.47 6.80 -0.78
CA TYR A 121 14.30 5.97 -1.07
C TYR A 121 13.23 6.81 -1.77
N GLN A 122 13.08 8.06 -1.31
CA GLN A 122 12.09 9.01 -1.83
C GLN A 122 10.72 8.34 -1.92
N THR A 123 10.36 7.63 -0.85
CA THR A 123 9.11 6.88 -0.81
C THR A 123 8.22 7.20 0.38
N LEU A 124 6.94 7.31 0.10
CA LEU A 124 5.91 7.58 1.09
C LEU A 124 4.94 6.40 1.01
N GLY A 125 4.61 5.81 2.15
CA GLY A 125 3.70 4.68 2.14
C GLY A 125 2.79 4.58 3.36
N VAL A 126 1.64 3.93 3.15
CA VAL A 126 0.70 3.70 4.24
C VAL A 126 0.54 2.18 4.25
N GLU A 127 1.13 1.56 5.28
CA GLU A 127 1.12 0.12 5.40
C GLU A 127 0.03 -0.45 6.31
N PHE A 128 -0.25 -1.72 6.06
CA PHE A 128 -1.22 -2.51 6.80
C PHE A 128 -0.38 -3.76 7.06
N ASP A 129 0.40 -3.64 8.13
CA ASP A 129 1.38 -4.62 8.60
C ASP A 129 0.82 -5.72 9.49
N THR A 130 1.02 -6.96 9.06
CA THR A 130 0.51 -8.13 9.81
C THR A 130 1.55 -8.94 10.61
N PHE A 131 2.83 -8.61 10.46
CA PHE A 131 3.88 -9.33 11.18
C PHE A 131 4.80 -8.35 11.90
N SER A 132 5.05 -8.62 13.18
CA SER A 132 5.89 -7.76 13.98
C SER A 132 7.39 -8.03 13.87
N ASN A 133 8.08 -7.22 13.05
CA ASN A 133 9.52 -7.32 12.85
C ASN A 133 10.20 -6.58 14.03
N PRO A 134 11.53 -6.68 14.15
CA PRO A 134 12.20 -5.99 15.26
C PRO A 134 12.06 -4.49 15.26
N TRP A 135 11.75 -3.91 14.10
CA TRP A 135 11.58 -2.46 13.98
C TRP A 135 10.11 -2.05 14.20
N ASP A 136 9.23 -3.04 14.34
CA ASP A 136 7.81 -2.81 14.53
C ASP A 136 7.36 -2.76 15.97
N PRO A 137 6.20 -2.13 16.22
CA PRO A 137 5.68 -2.08 17.58
C PRO A 137 5.20 -3.53 17.81
N PRO A 138 5.02 -3.95 19.06
CA PRO A 138 4.58 -5.33 19.27
C PRO A 138 3.17 -5.71 18.77
N GLN A 139 2.27 -4.74 18.66
CA GLN A 139 0.91 -5.03 18.21
C GLN A 139 0.76 -5.15 16.70
N VAL A 140 0.14 -6.25 16.26
CA VAL A 140 -0.16 -6.48 14.85
C VAL A 140 -1.55 -7.09 14.78
N PRO A 141 -2.31 -6.78 13.72
CA PRO A 141 -1.86 -5.88 12.65
C PRO A 141 -1.90 -4.40 13.04
N HIS A 142 -1.20 -3.58 12.25
CA HIS A 142 -1.19 -2.14 12.49
C HIS A 142 -1.07 -1.35 11.19
N ILE A 143 -1.64 -0.16 11.21
CA ILE A 143 -1.56 0.76 10.09
C ILE A 143 -0.31 1.59 10.41
N GLY A 144 0.46 1.93 9.40
CA GLY A 144 1.64 2.73 9.63
C GLY A 144 1.92 3.71 8.52
N ILE A 145 2.46 4.87 8.86
CA ILE A 145 2.82 5.88 7.87
C ILE A 145 4.34 5.80 7.75
N ASP A 146 4.80 5.38 6.58
CA ASP A 146 6.23 5.21 6.28
C ASP A 146 6.79 6.34 5.43
N VAL A 147 7.81 7.00 5.95
CA VAL A 147 8.46 8.11 5.25
C VAL A 147 9.95 7.79 5.11
N ASN A 148 10.33 7.31 3.92
CA ASN A 148 11.72 6.94 3.61
C ASN A 148 12.25 5.83 4.51
N SER A 149 11.34 5.03 5.09
CA SER A 149 11.74 3.95 5.97
C SER A 149 10.58 3.01 6.31
N ILE A 150 10.93 1.76 6.59
CA ILE A 150 9.94 0.76 6.98
C ILE A 150 9.60 0.97 8.47
N ARG A 151 10.40 1.78 9.15
CA ARG A 151 10.18 2.12 10.56
C ARG A 151 9.20 3.29 10.53
N SER A 152 7.91 3.00 10.67
CA SER A 152 6.87 4.02 10.62
C SER A 152 7.06 5.17 11.59
N ILE A 153 6.70 6.38 11.16
CA ILE A 153 6.80 7.54 12.03
C ILE A 153 5.57 7.58 12.95
N LYS A 154 4.58 6.76 12.62
CA LYS A 154 3.33 6.68 13.39
C LYS A 154 2.61 5.38 13.06
N THR A 155 2.10 4.70 14.08
CA THR A 155 1.36 3.45 13.88
C THR A 155 0.04 3.44 14.64
N GLN A 156 -0.88 2.61 14.17
CA GLN A 156 -2.20 2.46 14.80
C GLN A 156 -2.63 1.01 14.69
N PRO A 157 -2.71 0.31 15.82
CA PRO A 157 -3.11 -1.10 15.83
C PRO A 157 -4.57 -1.24 15.45
N PHE A 158 -4.89 -2.34 14.79
CA PHE A 158 -6.27 -2.62 14.41
C PHE A 158 -6.51 -4.12 14.50
N GLN A 159 -7.77 -4.50 14.65
CA GLN A 159 -8.11 -5.90 14.74
C GLN A 159 -8.54 -6.40 13.37
N LEU A 160 -7.90 -7.48 12.93
CA LEU A 160 -8.24 -8.03 11.63
C LEU A 160 -9.56 -8.80 11.69
N ASP A 161 -10.41 -8.55 10.71
CA ASP A 161 -11.68 -9.26 10.57
C ASP A 161 -11.31 -10.22 9.45
N ASN A 162 -10.82 -11.40 9.83
CA ASN A 162 -10.35 -12.42 8.89
C ASN A 162 -11.22 -12.68 7.66
N GLY A 163 -10.66 -12.41 6.48
CA GLY A 163 -11.39 -12.62 5.24
C GLY A 163 -12.48 -11.62 4.91
N GLN A 164 -12.70 -10.63 5.78
CA GLN A 164 -13.71 -9.63 5.52
C GLN A 164 -13.10 -8.46 4.75
N VAL A 165 -13.94 -7.77 3.98
CA VAL A 165 -13.51 -6.63 3.19
C VAL A 165 -13.35 -5.37 4.04
N ALA A 166 -12.20 -4.72 3.91
CA ALA A 166 -11.94 -3.49 4.64
C ALA A 166 -11.92 -2.35 3.63
N ASN A 167 -12.50 -1.22 4.00
CA ASN A 167 -12.51 -0.05 3.12
C ASN A 167 -11.48 0.95 3.63
N VAL A 168 -10.65 1.46 2.74
CA VAL A 168 -9.61 2.42 3.12
C VAL A 168 -9.74 3.75 2.38
N VAL A 169 -9.50 4.83 3.11
CA VAL A 169 -9.50 6.19 2.56
C VAL A 169 -8.23 6.87 3.07
N ILE A 170 -7.41 7.36 2.14
CA ILE A 170 -6.18 8.06 2.47
C ILE A 170 -6.26 9.40 1.77
N LYS A 171 -6.13 10.47 2.54
CA LYS A 171 -6.23 11.83 2.01
C LYS A 171 -5.05 12.68 2.45
N TYR A 172 -4.57 13.52 1.55
CA TYR A 172 -3.46 14.41 1.84
C TYR A 172 -3.85 15.84 1.48
N ASP A 173 -3.83 16.71 2.47
CA ASP A 173 -4.15 18.13 2.27
C ASP A 173 -2.83 18.87 2.20
N ALA A 174 -2.47 19.35 1.01
CA ALA A 174 -1.22 20.07 0.80
C ALA A 174 -1.08 21.33 1.64
N SER A 175 -2.17 22.05 1.84
CA SER A 175 -2.13 23.29 2.61
C SER A 175 -1.70 23.07 4.06
N SER A 176 -2.26 22.05 4.71
CA SER A 176 -1.93 21.76 6.11
C SER A 176 -0.84 20.71 6.23
N LYS A 177 -0.53 20.03 5.13
CA LYS A 177 0.49 18.99 5.12
C LYS A 177 0.07 17.77 5.94
N ILE A 178 -1.23 17.58 6.11
CA ILE A 178 -1.73 16.45 6.86
C ILE A 178 -2.10 15.24 6.00
N LEU A 179 -1.53 14.09 6.35
CA LEU A 179 -1.84 12.83 5.69
C LEU A 179 -2.75 12.08 6.66
N HIS A 180 -4.01 11.94 6.30
CA HIS A 180 -4.97 11.23 7.14
C HIS A 180 -5.51 9.98 6.46
N ALA A 181 -5.49 8.87 7.21
CA ALA A 181 -5.96 7.60 6.72
C ALA A 181 -7.04 7.00 7.63
N VAL A 182 -7.99 6.32 7.01
CA VAL A 182 -9.11 5.70 7.71
C VAL A 182 -9.30 4.27 7.22
N LEU A 183 -9.54 3.36 8.15
CA LEU A 183 -9.82 1.97 7.80
C LEU A 183 -11.15 1.61 8.47
N VAL A 184 -12.06 1.08 7.65
CA VAL A 184 -13.39 0.69 8.14
C VAL A 184 -13.73 -0.73 7.73
N TYR A 185 -14.26 -1.51 8.67
CA TYR A 185 -14.70 -2.87 8.40
C TYR A 185 -16.24 -2.85 8.48
N PRO A 186 -16.92 -2.83 7.32
CA PRO A 186 -18.39 -2.81 7.26
C PRO A 186 -19.00 -4.00 8.02
N SER A 187 -18.31 -5.14 7.94
CA SER A 187 -18.75 -6.35 8.61
C SER A 187 -18.98 -6.16 10.10
N SER A 188 -18.00 -5.56 10.77
CA SER A 188 -18.10 -5.33 12.21
C SER A 188 -18.41 -3.89 12.59
N GLY A 189 -18.28 -2.96 11.64
CA GLY A 189 -18.54 -1.56 11.93
C GLY A 189 -17.35 -0.87 12.59
N ALA A 190 -16.22 -1.56 12.69
CA ALA A 190 -15.01 -0.99 13.30
C ALA A 190 -14.41 0.12 12.45
N ILE A 191 -14.01 1.21 13.11
CA ILE A 191 -13.40 2.35 12.45
C ILE A 191 -12.05 2.68 13.09
N TYR A 192 -11.02 2.80 12.26
CA TYR A 192 -9.68 3.13 12.74
C TYR A 192 -9.19 4.35 12.01
N THR A 193 -8.50 5.24 12.72
CA THR A 193 -8.01 6.46 12.13
C THR A 193 -6.58 6.77 12.54
N ILE A 194 -5.81 7.34 11.61
CA ILE A 194 -4.43 7.69 11.88
C ILE A 194 -4.08 8.92 11.05
N ALA A 195 -3.28 9.81 11.63
CA ALA A 195 -2.89 11.03 10.94
C ALA A 195 -1.53 11.53 11.39
N GLU A 196 -0.82 12.17 10.46
CA GLU A 196 0.49 12.72 10.75
C GLU A 196 0.85 13.78 9.73
N ILE A 197 1.71 14.71 10.13
CA ILE A 197 2.15 15.77 9.25
C ILE A 197 3.29 15.26 8.38
N VAL A 198 3.13 15.42 7.07
CA VAL A 198 4.13 14.98 6.11
C VAL A 198 4.29 16.02 5.02
N ASP A 199 5.50 16.57 4.87
CA ASP A 199 5.77 17.54 3.82
C ASP A 199 6.36 16.75 2.67
N VAL A 200 5.55 16.43 1.67
CA VAL A 200 6.00 15.64 0.54
C VAL A 200 7.15 16.24 -0.27
N LYS A 201 7.33 17.56 -0.20
CA LYS A 201 8.42 18.22 -0.92
C LYS A 201 9.77 17.76 -0.38
N GLN A 202 9.78 17.33 0.88
CA GLN A 202 11.00 16.87 1.52
C GLN A 202 11.24 15.37 1.30
N VAL A 203 10.20 14.68 0.82
CA VAL A 203 10.27 13.23 0.63
C VAL A 203 10.31 12.72 -0.80
N LEU A 204 9.29 13.12 -1.57
CA LEU A 204 9.11 12.66 -2.93
C LEU A 204 9.66 13.53 -4.05
N PRO A 205 9.92 12.91 -5.22
CA PRO A 205 10.42 13.65 -6.38
C PRO A 205 9.17 14.31 -6.98
N GLU A 206 9.35 15.24 -7.92
CA GLU A 206 8.22 15.92 -8.53
C GLU A 206 7.20 15.01 -9.22
N TRP A 207 7.69 13.97 -9.87
CA TRP A 207 6.83 12.99 -10.55
C TRP A 207 7.01 11.67 -9.84
N VAL A 208 5.90 10.98 -9.58
CA VAL A 208 5.95 9.70 -8.89
C VAL A 208 5.03 8.64 -9.49
N ASP A 209 5.28 7.38 -9.14
CA ASP A 209 4.43 6.29 -9.55
C ASP A 209 3.64 5.96 -8.29
N VAL A 210 2.35 5.67 -8.44
CA VAL A 210 1.51 5.32 -7.31
C VAL A 210 1.17 3.84 -7.45
N GLY A 211 1.21 3.12 -6.34
CA GLY A 211 0.91 1.70 -6.41
C GLY A 211 0.56 1.03 -5.10
N LEU A 212 0.31 -0.27 -5.21
CA LEU A 212 -0.04 -1.12 -4.09
C LEU A 212 0.95 -2.28 -4.17
N SER A 213 1.45 -2.70 -3.02
CA SER A 213 2.40 -3.79 -2.95
C SER A 213 2.05 -4.71 -1.79
N GLY A 214 2.29 -6.00 -1.96
CA GLY A 214 2.01 -6.97 -0.91
C GLY A 214 3.10 -8.02 -0.84
N ALA A 215 3.25 -8.64 0.32
CA ALA A 215 4.27 -9.66 0.51
C ALA A 215 3.91 -10.71 1.55
N THR A 216 4.28 -11.96 1.28
CA THR A 216 4.07 -13.05 2.22
C THR A 216 5.43 -13.39 2.86
N GLY A 217 5.39 -14.13 3.96
CA GLY A 217 6.58 -14.47 4.74
C GLY A 217 7.79 -15.22 4.22
N ALA A 218 8.85 -15.18 5.04
CA ALA A 218 10.14 -15.79 4.75
C ALA A 218 10.27 -17.28 5.11
N GLN A 219 9.22 -17.89 5.65
CA GLN A 219 9.26 -19.32 5.97
C GLN A 219 7.96 -20.01 5.56
N ARG A 220 8.04 -21.32 5.36
CA ARG A 220 6.90 -22.12 4.94
C ARG A 220 5.61 -21.85 5.70
N ASP A 221 4.58 -21.49 4.94
CA ASP A 221 3.24 -21.21 5.45
C ASP A 221 3.03 -19.93 6.24
N ALA A 222 4.06 -19.10 6.35
CA ALA A 222 3.93 -17.81 7.03
C ALA A 222 3.36 -16.98 5.89
N ALA A 223 2.05 -17.11 5.69
CA ALA A 223 1.39 -16.43 4.59
C ALA A 223 -0.06 -16.08 4.86
N GLU A 224 -0.62 -15.30 3.94
CA GLU A 224 -2.01 -14.84 4.02
C GLU A 224 -2.32 -14.27 2.63
N THR A 225 -3.58 -13.98 2.36
CA THR A 225 -3.93 -13.41 1.07
C THR A 225 -3.83 -11.88 1.16
N HIS A 226 -3.74 -11.23 0.01
CA HIS A 226 -3.69 -9.78 -0.08
C HIS A 226 -4.49 -9.44 -1.34
N ASP A 227 -5.81 -9.55 -1.23
CA ASP A 227 -6.73 -9.29 -2.33
C ASP A 227 -7.30 -7.89 -2.34
N VAL A 228 -7.27 -7.25 -3.50
CA VAL A 228 -7.81 -5.90 -3.69
C VAL A 228 -8.99 -5.97 -4.65
N TYR A 229 -10.11 -5.37 -4.26
CA TYR A 229 -11.33 -5.40 -5.05
C TYR A 229 -11.62 -4.16 -5.90
N SER A 230 -11.12 -3.01 -5.46
CA SER A 230 -11.32 -1.75 -6.17
C SER A 230 -10.26 -0.77 -5.74
N TRP A 231 -10.04 0.26 -6.55
CA TRP A 231 -9.03 1.26 -6.25
C TRP A 231 -9.26 2.50 -7.10
N SER A 232 -9.34 3.65 -6.44
CA SER A 232 -9.53 4.92 -7.12
C SER A 232 -8.49 5.90 -6.59
N PHE A 233 -8.17 6.90 -7.40
CA PHE A 233 -7.17 7.89 -7.02
C PHE A 233 -7.42 9.18 -7.78
N GLN A 234 -7.11 10.29 -7.12
CA GLN A 234 -7.24 11.61 -7.73
C GLN A 234 -6.24 12.54 -7.08
N ALA A 235 -5.61 13.38 -7.90
CA ALA A 235 -4.62 14.34 -7.42
C ALA A 235 -4.80 15.65 -8.19
N SER A 236 -4.64 16.76 -7.48
CA SER A 236 -4.78 18.08 -8.08
C SER A 236 -3.61 18.97 -7.72
N LEU A 237 -2.88 19.42 -8.74
CA LEU A 237 -1.72 20.29 -8.58
C LEU A 237 -2.16 21.70 -8.99
N PRO A 238 -2.16 22.66 -8.05
CA PRO A 238 -2.55 24.05 -8.35
C PRO A 238 -1.78 24.60 -9.55
N GLU A 239 -0.59 24.05 -9.78
CA GLU A 239 0.25 24.42 -10.91
C GLU A 239 -0.16 23.59 -12.14
C1 NAG B . -7.40 2.93 -19.76
C2 NAG B . -7.21 4.45 -19.59
C3 NAG B . -7.76 5.20 -20.82
C4 NAG B . -7.19 4.62 -22.11
C5 NAG B . -7.42 3.10 -22.13
C6 NAG B . -6.87 2.42 -23.37
C7 NAG B . -7.19 5.33 -17.35
C8 NAG B . -7.98 5.78 -16.12
N2 NAG B . -7.90 4.89 -18.38
O3 NAG B . -7.41 6.59 -20.73
O4 NAG B . -7.85 5.21 -23.24
O5 NAG B . -6.80 2.50 -20.98
O6 NAG B . -5.49 2.67 -23.52
O7 NAG B . -5.96 5.39 -17.34
C1 NAG B . -7.02 5.70 -24.25
C2 NAG B . -7.85 5.91 -25.51
C3 NAG B . -7.02 6.57 -26.61
C4 NAG B . -6.24 7.78 -26.11
C5 NAG B . -5.55 7.47 -24.76
C6 NAG B . -4.92 8.69 -24.12
C7 NAG B . -9.64 4.43 -26.13
C8 NAG B . -10.08 3.07 -26.66
N2 NAG B . -8.34 4.64 -26.00
O3 NAG B . -7.90 6.99 -27.65
O4 NAG B . -5.22 8.12 -27.07
O5 NAG B . -6.49 6.94 -23.81
O6 NAG B . -3.67 8.38 -23.54
O7 NAG B . -10.49 5.28 -25.82
C1 BMA B . -5.57 8.97 -28.12
C2 BMA B . -4.30 9.56 -28.73
C3 BMA B . -4.68 10.48 -29.88
C4 BMA B . -5.49 9.70 -30.90
C5 BMA B . -6.67 8.98 -30.25
C6 BMA B . -7.29 8.03 -31.25
O2 BMA B . -3.50 8.48 -29.25
O3 BMA B . -3.48 10.96 -30.51
O4 BMA B . -5.98 10.58 -31.90
O5 BMA B . -6.24 8.19 -29.12
O6 BMA B . -8.27 7.21 -30.60
C1 XYP B . -2.52 7.96 -28.45
C2 XYP B . -2.21 6.56 -28.97
C3 XYP B . -1.01 5.96 -28.23
C4 XYP B . 0.17 6.92 -28.37
C5 XYP B . -0.24 8.28 -27.82
O2 XYP B . -3.35 5.73 -28.78
O3 XYP B . -0.68 4.70 -28.80
O4 XYP B . 1.27 6.42 -27.65
O5 XYP B . -1.36 8.80 -28.56
C1 MAN B . -3.24 12.32 -30.37
C2 MAN B . -2.25 12.76 -31.44
C3 MAN B . -0.91 12.06 -31.23
C4 MAN B . -0.42 12.21 -29.79
C5 MAN B . -1.51 11.92 -28.77
C6 MAN B . -1.10 12.38 -27.38
O2 MAN B . -2.07 14.17 -31.38
O3 MAN B . 0.04 12.63 -32.12
O4 MAN B . 0.68 11.34 -29.58
O5 MAN B . -2.73 12.63 -29.09
O6 MAN B . -1.00 13.80 -27.33
C1 MAN B . -9.49 7.90 -30.43
C2 MAN B . -10.51 6.95 -29.84
C3 MAN B . -10.80 5.82 -30.83
C4 MAN B . -11.26 6.41 -32.18
C5 MAN B . -10.20 7.40 -32.67
C6 MAN B . -10.60 8.11 -33.94
O2 MAN B . -11.70 7.66 -29.55
O3 MAN B . -11.81 4.97 -30.31
O4 MAN B . -11.41 5.37 -33.12
O5 MAN B . -9.97 8.41 -31.67
O6 MAN B . -9.68 9.16 -34.26
C1 FUC B . -8.41 7.44 -20.26
C2 FUC B . -7.82 8.77 -19.82
C3 FUC B . -7.29 9.53 -21.02
C4 FUC B . -8.40 9.69 -22.05
C5 FUC B . -8.99 8.33 -22.41
C6 FUC B . -10.20 8.44 -23.32
O2 FUC B . -6.75 8.53 -18.90
O3 FUC B . -6.85 10.82 -20.60
O4 FUC B . -9.42 10.54 -21.54
O5 FUC B . -9.43 7.65 -21.21
C1 NDG C . 14.80 -17.11 9.66
C2 NDG C . 13.32 -17.45 9.64
C3 NDG C . 12.53 -16.39 8.86
C4 NDG C . 12.84 -14.99 9.38
C5 NDG C . 14.36 -14.79 9.37
C6 NDG C . 14.81 -13.44 9.89
C7 NDG C . 12.83 -19.80 9.81
C8 NDG C . 12.62 -21.12 9.11
O5 NDG C . 14.99 -15.80 10.19
O3 NDG C . 11.14 -16.67 8.99
O4 NDG C . 12.23 -14.00 8.53
O6 NDG C . 14.14 -13.10 11.09
O7 NDG C . 12.75 -19.73 11.05
N2 NDG C . 13.11 -18.74 9.05
O1 NDG C . 15.30 -17.12 8.37
C1 GAL C . 11.05 -13.41 8.96
C2 GAL C . 10.83 -12.10 8.20
C3 GAL C . 9.44 -11.52 8.50
C4 GAL C . 8.37 -12.58 8.21
C5 GAL C . 8.69 -13.81 9.03
C6 GAL C . 7.69 -14.93 8.82
O2 GAL C . 11.84 -11.16 8.56
O3 GAL C . 9.21 -10.37 7.69
O4 GAL C . 8.39 -12.90 6.82
O5 GAL C . 9.99 -14.33 8.68
O6 GAL C . 8.05 -16.08 9.56
MN MN D . 5.13 -1.94 10.61
CA CA E . 6.22 -5.93 9.73
#